data_3AU6
#
_entry.id   3AU6
#
_cell.length_a   80.166
_cell.length_b   80.166
_cell.length_c   268.555
_cell.angle_alpha   90.000
_cell.angle_beta   90.000
_cell.angle_gamma   90.000
#
_symmetry.space_group_name_H-M   'P 43 21 2'
#
loop_
_entity.id
_entity.type
_entity.pdbx_description
1 polymer 'DNA polymerase beta family (X family)'
2 polymer "5'-D(*CP*AP*GP*TP*AP*TP*(DDG))-3'"
3 polymer "5'-D(*CP*GP*GP*CP*CP*AP*TP*AP*CP*TP*G)-3'"
4 non-polymer "2'-3'-DIDEOXYGUANOSINE-5'-TRIPHOSPHATE"
5 non-polymer 'MAGNESIUM ION'
6 non-polymer 'ZINC ION'
7 non-polymer 'CHLORIDE ION'
8 non-polymer 'SULFATE ION'
9 water water
#
loop_
_entity_poly.entity_id
_entity_poly.type
_entity_poly.pdbx_seq_one_letter_code
_entity_poly.pdbx_strand_id
1 'polypeptide(L)'
;MRNQELARIFEEIGLMSEFLGDNPFRVRAYHQAARTLYDLDTPIEEIAEKGKEALMELPGVGPDLAEKILEFLRTGKVRK
HEELSRKVPRGVLEVMEVPGVGPKTARLLYEGLGIDSLEKLKAALDRGDLTRLKGFGPKRAERIREGLALAQAAGKRRPL
GAVLSLARSLLEAIRALPGVERAELCGSARRYKDTVGDLDFLVASREGERAVEGFVRLPQVKEVYAKGKERATVFLKNGL
QVDLRVVPPESYGAGLQYLTGSKAHSIRLRALAQEKGLKLSEYGVFRGEKRIAGETEEEVYAALGLPWIPPPLREDQGEV
EAALEGRLPKLLELPQVKGDLQVHSTYSDGQNTLEELWEAAKTMGYRYLAVTDHSPAVRVAGGPSPEEALKRVGEIRRFN
ETHGPPYLLAGAEVDIHPDGTLDYPDWVLRELDLVLVSVHSRFNLPKADQTKRLLKALENPFVHVLAHPTARLLGRRAPI
EADWEAVFQKAKEKGVAVEIDGYYDRMDLPDDLARMAYGMGLWISLSTDAHQTDHLRFMELAVGTAQRAWIGPERVLNTL
DYEDLLSWLKARRGV
;
A
2 'polydeoxyribonucleotide' (DC)(DA)(DG)(DT)(DA)(DT)(DDG) P
3 'polydeoxyribonucleotide' (DC)(DG)(DG)(DC)(DC)(DA)(DT)(DA)(DC)(DT)(DG) T
#
# COMPACT_ATOMS: atom_id res chain seq x y z
N MET A 1 -7.52 -16.09 5.14
CA MET A 1 -7.72 -15.42 3.83
C MET A 1 -6.91 -16.19 2.77
N ARG A 2 -7.53 -17.23 2.20
CA ARG A 2 -6.87 -18.14 1.23
C ARG A 2 -7.03 -17.71 -0.26
N ASN A 3 -7.56 -16.51 -0.47
CA ASN A 3 -7.52 -15.89 -1.78
C ASN A 3 -6.05 -15.64 -2.13
N GLN A 4 -5.21 -15.47 -1.10
CA GLN A 4 -3.76 -15.44 -1.28
C GLN A 4 -3.34 -16.81 -1.76
N GLU A 5 -3.75 -17.83 -1.00
CA GLU A 5 -3.43 -19.21 -1.30
C GLU A 5 -3.60 -19.51 -2.78
N LEU A 6 -4.67 -19.02 -3.37
CA LEU A 6 -4.90 -19.30 -4.78
C LEU A 6 -4.03 -18.45 -5.69
N ALA A 7 -4.23 -17.15 -5.63
CA ALA A 7 -3.44 -16.20 -6.39
C ALA A 7 -1.98 -16.60 -6.30
N ARG A 8 -1.57 -17.08 -5.13
CA ARG A 8 -0.26 -17.69 -5.00
C ARG A 8 -0.05 -18.76 -6.10
N ILE A 9 -0.94 -19.74 -6.16
CA ILE A 9 -0.78 -20.85 -7.09
C ILE A 9 -0.80 -20.41 -8.55
N PHE A 10 -1.53 -19.35 -8.87
CA PHE A 10 -1.53 -18.83 -10.23
C PHE A 10 -0.14 -18.35 -10.54
N GLU A 11 0.25 -17.26 -9.90
CA GLU A 11 1.53 -16.63 -10.17
C GLU A 11 2.66 -17.65 -10.25
N GLU A 12 2.57 -18.70 -9.44
CA GLU A 12 3.54 -19.78 -9.48
C GLU A 12 3.61 -20.43 -10.86
N ILE A 13 2.46 -20.91 -11.34
CA ILE A 13 2.40 -21.50 -12.66
C ILE A 13 2.97 -20.55 -13.70
N GLY A 14 2.52 -19.31 -13.64
CA GLY A 14 3.05 -18.28 -14.49
C GLY A 14 4.56 -18.29 -14.53
N LEU A 15 5.17 -18.23 -13.36
CA LEU A 15 6.60 -18.07 -13.27
C LEU A 15 7.36 -19.26 -13.81
N MET A 16 6.86 -20.46 -13.58
CA MET A 16 7.50 -21.63 -14.13
C MET A 16 7.27 -21.68 -15.62
N SER A 17 6.01 -21.68 -16.03
CA SER A 17 5.69 -21.72 -17.42
C SER A 17 6.49 -20.66 -18.19
N GLU A 18 6.55 -19.44 -17.67
CA GLU A 18 7.32 -18.38 -18.34
C GLU A 18 8.76 -18.80 -18.48
N PHE A 19 9.31 -19.25 -17.36
CA PHE A 19 10.66 -19.73 -17.30
C PHE A 19 10.93 -20.77 -18.36
N LEU A 20 10.00 -21.71 -18.53
CA LEU A 20 10.20 -22.87 -19.39
C LEU A 20 9.99 -22.55 -20.86
N GLY A 21 9.37 -21.42 -21.13
CA GLY A 21 9.36 -20.85 -22.47
C GLY A 21 8.06 -21.08 -23.20
N ASP A 22 7.04 -21.54 -22.49
CA ASP A 22 5.78 -21.81 -23.14
C ASP A 22 5.04 -20.51 -23.47
N ASN A 23 4.03 -20.61 -24.33
CA ASN A 23 3.13 -19.50 -24.69
C ASN A 23 3.07 -18.38 -23.70
N PRO A 24 3.41 -17.16 -24.15
CA PRO A 24 3.41 -15.97 -23.30
C PRO A 24 2.04 -15.34 -23.06
N PHE A 25 1.01 -15.82 -23.74
CA PHE A 25 -0.38 -15.36 -23.50
C PHE A 25 -1.03 -16.10 -22.34
N ARG A 26 -0.97 -17.41 -22.35
CA ARG A 26 -1.26 -18.15 -21.14
C ARG A 26 -0.48 -17.49 -20.03
N VAL A 27 0.81 -17.28 -20.25
CA VAL A 27 1.70 -16.82 -19.19
C VAL A 27 1.17 -15.56 -18.53
N ARG A 28 1.06 -14.46 -19.24
CA ARG A 28 0.58 -13.29 -18.55
C ARG A 28 -0.81 -13.55 -17.98
N ALA A 29 -1.60 -14.38 -18.66
CA ALA A 29 -2.95 -14.72 -18.20
C ALA A 29 -3.00 -15.11 -16.73
N TYR A 30 -2.07 -15.93 -16.29
CA TYR A 30 -1.96 -16.27 -14.89
C TYR A 30 -1.56 -15.11 -13.99
N HIS A 31 -0.60 -14.34 -14.45
CA HIS A 31 -0.07 -13.25 -13.66
C HIS A 31 -1.20 -12.30 -13.33
N GLN A 32 -2.09 -12.08 -14.29
CA GLN A 32 -3.21 -11.14 -14.09
C GLN A 32 -4.35 -11.78 -13.35
N ALA A 33 -4.47 -13.10 -13.46
CA ALA A 33 -5.41 -13.87 -12.68
C ALA A 33 -5.11 -13.66 -11.20
N ALA A 34 -3.85 -13.85 -10.81
CA ALA A 34 -3.43 -13.66 -9.42
C ALA A 34 -3.57 -12.21 -8.96
N ARG A 35 -3.30 -11.26 -9.85
CA ARG A 35 -3.20 -9.88 -9.45
C ARG A 35 -4.53 -9.25 -9.06
N THR A 36 -5.63 -9.82 -9.54
CA THR A 36 -6.95 -9.40 -9.09
C THR A 36 -7.37 -10.21 -7.89
N LEU A 37 -7.09 -11.51 -7.96
CA LEU A 37 -7.40 -12.46 -6.88
C LEU A 37 -6.72 -12.14 -5.56
N TYR A 38 -5.56 -11.53 -5.64
CA TYR A 38 -4.86 -11.09 -4.46
C TYR A 38 -5.58 -9.89 -3.85
N ASP A 39 -6.02 -8.97 -4.71
CA ASP A 39 -6.60 -7.72 -4.24
C ASP A 39 -8.13 -7.65 -4.32
N LEU A 40 -8.81 -8.79 -4.40
CA LEU A 40 -10.28 -8.79 -4.18
C LEU A 40 -10.52 -8.51 -2.70
N ASP A 41 -11.75 -8.20 -2.33
CA ASP A 41 -12.10 -8.00 -0.92
C ASP A 41 -13.01 -9.11 -0.44
N THR A 42 -14.05 -9.36 -1.23
CA THR A 42 -14.99 -10.45 -0.98
C THR A 42 -14.35 -11.81 -1.28
N PRO A 43 -14.96 -12.91 -0.80
CA PRO A 43 -14.27 -14.19 -0.82
C PRO A 43 -14.72 -15.13 -1.92
N ILE A 44 -13.79 -15.99 -2.31
CA ILE A 44 -13.98 -16.93 -3.40
C ILE A 44 -14.85 -18.08 -2.92
N GLU A 45 -14.74 -18.41 -1.63
CA GLU A 45 -15.65 -19.34 -1.01
C GLU A 45 -16.91 -19.33 -1.87
N GLU A 46 -17.50 -18.13 -1.96
CA GLU A 46 -18.87 -17.95 -2.42
C GLU A 46 -19.10 -18.27 -3.90
N ILE A 47 -18.51 -17.46 -4.79
CA ILE A 47 -18.83 -17.53 -6.22
C ILE A 47 -18.37 -18.85 -6.85
N ALA A 48 -17.44 -19.50 -6.17
CA ALA A 48 -17.08 -20.88 -6.47
C ALA A 48 -18.32 -21.74 -6.35
N GLU A 49 -18.99 -21.59 -5.21
CA GLU A 49 -20.29 -22.23 -5.00
C GLU A 49 -21.35 -21.20 -5.41
N LYS A 50 -21.37 -20.90 -6.71
CA LYS A 50 -22.37 -20.01 -7.32
C LYS A 50 -22.28 -20.08 -8.85
N GLY A 51 -21.92 -21.23 -9.39
CA GLY A 51 -21.72 -21.38 -10.83
C GLY A 51 -20.55 -20.56 -11.37
N LYS A 52 -20.42 -20.59 -12.69
CA LYS A 52 -19.22 -20.13 -13.37
C LYS A 52 -19.38 -18.76 -14.02
N GLU A 53 -20.54 -18.45 -14.58
CA GLU A 53 -20.68 -17.21 -15.36
C GLU A 53 -20.56 -15.98 -14.46
N ALA A 54 -20.91 -16.14 -13.19
CA ALA A 54 -20.72 -15.09 -12.17
C ALA A 54 -19.24 -14.98 -11.76
N LEU A 55 -18.55 -16.12 -11.77
CA LEU A 55 -17.09 -16.24 -11.50
C LEU A 55 -16.21 -15.56 -12.57
N MET A 56 -16.71 -15.54 -13.80
CA MET A 56 -16.01 -14.92 -14.90
C MET A 56 -16.32 -13.42 -15.02
N GLU A 57 -17.28 -12.91 -14.23
CA GLU A 57 -17.51 -11.46 -14.14
C GLU A 57 -16.26 -10.75 -13.61
N LEU A 58 -15.49 -11.45 -12.78
CA LEU A 58 -14.19 -10.98 -12.32
C LEU A 58 -13.25 -10.79 -13.49
N PRO A 59 -12.59 -9.64 -13.56
CA PRO A 59 -11.71 -9.36 -14.70
C PRO A 59 -10.43 -10.20 -14.67
N GLY A 60 -9.94 -10.57 -15.85
CA GLY A 60 -8.87 -11.53 -15.95
C GLY A 60 -9.34 -12.98 -15.93
N VAL A 61 -10.53 -13.24 -15.39
CA VAL A 61 -11.04 -14.59 -15.24
C VAL A 61 -11.68 -15.12 -16.48
N GLY A 62 -11.43 -16.39 -16.77
CA GLY A 62 -12.12 -17.04 -17.87
C GLY A 62 -12.20 -18.54 -17.75
N PRO A 63 -12.74 -19.19 -18.78
CA PRO A 63 -12.94 -20.62 -18.93
C PRO A 63 -11.74 -21.52 -18.71
N ASP A 64 -10.70 -21.39 -19.54
CA ASP A 64 -9.51 -22.24 -19.43
C ASP A 64 -9.02 -22.24 -17.99
N LEU A 65 -9.03 -21.04 -17.39
CA LEU A 65 -8.72 -20.86 -15.98
C LEU A 65 -9.85 -21.39 -15.11
N ALA A 66 -11.07 -20.94 -15.38
CA ALA A 66 -12.25 -21.40 -14.65
C ALA A 66 -12.14 -22.86 -14.23
N GLU A 67 -11.94 -23.74 -15.22
CA GLU A 67 -11.75 -25.18 -14.99
C GLU A 67 -10.57 -25.55 -14.07
N LYS A 68 -9.77 -24.55 -13.71
CA LYS A 68 -8.72 -24.73 -12.72
C LYS A 68 -9.24 -24.34 -11.33
N ILE A 69 -9.95 -23.22 -11.24
CA ILE A 69 -10.65 -22.87 -10.00
C ILE A 69 -11.58 -24.00 -9.54
N LEU A 70 -12.05 -24.79 -10.50
CA LEU A 70 -12.62 -26.10 -10.20
C LEU A 70 -11.51 -26.90 -9.57
N GLU A 71 -10.58 -27.38 -10.40
CA GLU A 71 -9.53 -28.29 -9.95
C GLU A 71 -9.14 -27.99 -8.50
N PHE A 72 -9.08 -26.70 -8.17
CA PHE A 72 -8.68 -26.24 -6.84
C PHE A 72 -9.81 -26.22 -5.79
N LEU A 73 -10.71 -25.22 -5.86
CA LEU A 73 -11.70 -25.04 -4.80
C LEU A 73 -12.58 -26.28 -4.70
N ARG A 74 -13.14 -26.69 -5.82
CA ARG A 74 -13.90 -27.92 -5.90
C ARG A 74 -13.08 -29.13 -5.42
N THR A 75 -11.95 -29.42 -6.07
CA THR A 75 -11.24 -30.70 -5.85
C THR A 75 -9.87 -30.56 -5.13
N GLY A 76 -9.59 -29.42 -4.52
CA GLY A 76 -8.34 -29.26 -3.74
C GLY A 76 -7.10 -28.69 -4.45
N LYS A 77 -6.32 -29.56 -5.10
CA LYS A 77 -5.00 -29.20 -5.68
C LYS A 77 -5.10 -28.58 -7.11
N VAL A 78 -3.94 -28.38 -7.78
CA VAL A 78 -3.85 -27.92 -9.19
C VAL A 78 -2.90 -28.76 -10.05
N ARG A 79 -3.47 -29.62 -10.88
CA ARG A 79 -2.74 -30.66 -11.60
C ARG A 79 -1.56 -30.11 -12.40
N LYS A 80 -1.78 -29.01 -13.12
CA LYS A 80 -0.73 -28.36 -13.94
C LYS A 80 0.43 -27.86 -13.07
N HIS A 81 0.10 -27.12 -12.00
CA HIS A 81 1.10 -26.65 -11.03
C HIS A 81 1.97 -27.78 -10.52
N GLU A 82 1.36 -28.94 -10.32
CA GLU A 82 2.12 -30.08 -9.90
C GLU A 82 3.08 -30.42 -11.04
N GLU A 83 2.51 -30.65 -12.22
CA GLU A 83 3.29 -31.09 -13.40
C GLU A 83 4.45 -30.13 -13.66
N LEU A 84 4.19 -28.84 -13.49
CA LEU A 84 5.22 -27.83 -13.64
C LEU A 84 6.28 -28.00 -12.57
N SER A 85 5.83 -28.09 -11.32
CA SER A 85 6.75 -28.24 -10.19
C SER A 85 7.63 -29.45 -10.44
N ARG A 86 7.04 -30.51 -10.99
CA ARG A 86 7.80 -31.70 -11.29
C ARG A 86 9.01 -31.35 -12.17
N LYS A 87 8.76 -30.58 -13.22
CA LYS A 87 9.81 -30.17 -14.16
C LYS A 87 10.74 -29.04 -13.65
N VAL A 88 10.31 -28.32 -12.61
CA VAL A 88 11.00 -27.10 -12.16
C VAL A 88 11.19 -27.02 -10.63
N PRO A 89 12.45 -27.16 -10.16
CA PRO A 89 12.73 -27.16 -8.71
C PRO A 89 12.26 -25.93 -7.94
N ARG A 90 11.89 -26.13 -6.68
CA ARG A 90 11.54 -25.01 -5.81
C ARG A 90 12.80 -24.18 -5.68
N GLY A 91 13.94 -24.86 -5.76
CA GLY A 91 15.22 -24.20 -5.72
C GLY A 91 15.22 -23.08 -6.72
N VAL A 92 14.95 -23.45 -7.96
CA VAL A 92 14.96 -22.49 -9.03
C VAL A 92 13.85 -21.46 -8.88
N LEU A 93 12.69 -21.87 -8.38
CA LEU A 93 11.61 -20.92 -8.22
C LEU A 93 12.07 -19.72 -7.37
N GLU A 94 12.64 -19.99 -6.21
CA GLU A 94 13.11 -18.91 -5.34
C GLU A 94 14.06 -17.99 -6.05
N VAL A 95 14.65 -18.48 -7.14
CA VAL A 95 15.59 -17.67 -7.90
C VAL A 95 14.83 -16.63 -8.72
N MET A 96 13.71 -17.03 -9.30
CA MET A 96 12.84 -16.09 -10.03
C MET A 96 12.26 -15.05 -9.09
N GLU A 97 11.84 -15.52 -7.91
CA GLU A 97 11.20 -14.65 -6.93
C GLU A 97 12.17 -13.55 -6.51
N VAL A 98 13.46 -13.74 -6.78
CA VAL A 98 14.40 -12.72 -6.44
C VAL A 98 14.16 -11.54 -7.33
N PRO A 99 13.86 -10.37 -6.75
CA PRO A 99 13.76 -9.14 -7.51
C PRO A 99 15.00 -8.89 -8.30
N GLY A 100 14.79 -8.58 -9.59
CA GLY A 100 15.84 -8.36 -10.59
C GLY A 100 15.99 -9.55 -11.53
N VAL A 101 15.71 -10.73 -10.97
CA VAL A 101 15.93 -11.97 -11.65
C VAL A 101 14.73 -12.25 -12.50
N GLY A 102 13.80 -13.08 -12.02
CA GLY A 102 12.60 -13.43 -12.78
C GLY A 102 12.80 -14.41 -13.95
N PRO A 103 11.76 -15.21 -14.25
CA PRO A 103 11.82 -16.35 -15.13
C PRO A 103 12.96 -16.33 -16.13
N LYS A 104 12.84 -15.56 -17.19
CA LYS A 104 13.82 -15.63 -18.26
C LYS A 104 15.23 -15.54 -17.67
N THR A 105 15.55 -14.42 -17.03
CA THR A 105 16.87 -14.21 -16.45
C THR A 105 17.27 -15.41 -15.64
N ALA A 106 16.32 -15.92 -14.86
CA ALA A 106 16.54 -17.11 -14.06
C ALA A 106 16.94 -18.25 -14.97
N ARG A 107 16.26 -18.43 -16.09
CA ARG A 107 16.66 -19.50 -16.99
C ARG A 107 18.04 -19.18 -17.48
N LEU A 108 18.17 -18.04 -18.13
CA LEU A 108 19.45 -17.62 -18.62
C LEU A 108 20.50 -18.15 -17.64
N LEU A 109 20.38 -17.75 -16.37
CA LEU A 109 21.42 -18.02 -15.38
C LEU A 109 21.61 -19.48 -15.11
N TYR A 110 20.53 -20.23 -15.21
CA TYR A 110 20.54 -21.64 -14.87
C TYR A 110 21.17 -22.44 -15.96
N GLU A 111 20.83 -22.15 -17.19
CA GLU A 111 21.50 -22.80 -18.31
C GLU A 111 22.89 -22.18 -18.48
N GLY A 112 23.08 -21.01 -17.91
CA GLY A 112 24.33 -20.31 -18.06
C GLY A 112 25.38 -20.89 -17.15
N LEU A 113 25.04 -20.96 -15.86
CA LEU A 113 25.95 -21.35 -14.80
C LEU A 113 25.26 -22.31 -13.83
N GLY A 114 24.53 -23.27 -14.37
CA GLY A 114 23.85 -24.25 -13.55
C GLY A 114 23.26 -23.75 -12.25
N ILE A 115 22.92 -22.45 -12.16
CA ILE A 115 22.35 -21.91 -10.93
C ILE A 115 20.97 -22.48 -10.75
N ASP A 116 20.74 -23.13 -9.61
CA ASP A 116 19.46 -23.79 -9.33
C ASP A 116 18.85 -23.44 -7.95
N SER A 117 19.60 -22.74 -7.10
CA SER A 117 19.03 -22.22 -5.89
C SER A 117 19.65 -20.90 -5.45
N LEU A 118 19.29 -20.47 -4.26
CA LEU A 118 19.73 -19.21 -3.74
C LEU A 118 21.19 -19.22 -3.39
N GLU A 119 21.64 -20.26 -2.71
CA GLU A 119 23.03 -20.31 -2.25
C GLU A 119 23.90 -20.38 -3.51
N LYS A 120 23.48 -21.26 -4.43
CA LYS A 120 24.08 -21.36 -5.76
C LYS A 120 24.26 -19.99 -6.36
N LEU A 121 23.21 -19.18 -6.26
CA LEU A 121 23.25 -17.80 -6.70
C LEU A 121 24.28 -17.01 -5.92
N LYS A 122 24.11 -16.99 -4.60
CA LYS A 122 24.87 -16.06 -3.79
C LYS A 122 26.36 -16.24 -4.03
N ALA A 123 26.75 -17.51 -4.21
CA ALA A 123 28.14 -17.85 -4.54
C ALA A 123 28.54 -17.22 -5.85
N ALA A 124 27.90 -17.68 -6.92
CA ALA A 124 28.12 -17.14 -8.23
C ALA A 124 28.17 -15.62 -8.15
N LEU A 125 27.25 -15.06 -7.38
CA LEU A 125 27.17 -13.63 -7.17
C LEU A 125 28.46 -13.05 -6.67
N ASP A 126 29.14 -13.79 -5.78
CA ASP A 126 30.40 -13.34 -5.21
C ASP A 126 31.58 -13.43 -6.21
N ARG A 127 31.29 -13.71 -7.51
CA ARG A 127 32.32 -13.90 -8.56
C ARG A 127 31.85 -13.47 -9.99
N GLY A 135 24.47 -8.64 -22.84
CA GLY A 135 23.45 -9.37 -22.09
C GLY A 135 23.41 -9.06 -20.60
N PHE A 136 24.30 -9.68 -19.83
CA PHE A 136 24.38 -9.47 -18.38
C PHE A 136 24.64 -8.02 -18.00
N GLY A 137 25.90 -7.63 -18.00
CA GLY A 137 26.33 -6.35 -17.48
C GLY A 137 26.78 -6.50 -16.04
N PRO A 138 27.79 -5.70 -15.61
CA PRO A 138 28.13 -5.66 -14.18
C PRO A 138 27.19 -4.78 -13.32
N LYS A 139 26.34 -3.97 -13.95
CA LYS A 139 25.26 -3.31 -13.22
C LYS A 139 24.13 -4.34 -13.00
N ARG A 140 23.61 -4.88 -14.10
CA ARG A 140 22.51 -5.83 -14.04
C ARG A 140 22.77 -6.85 -12.93
N ALA A 141 24.02 -7.29 -12.82
CA ALA A 141 24.43 -8.21 -11.78
C ALA A 141 24.37 -7.55 -10.41
N GLU A 142 24.90 -6.35 -10.28
CA GLU A 142 24.84 -5.66 -8.98
C GLU A 142 23.44 -5.14 -8.69
N ARG A 143 22.60 -5.07 -9.71
CA ARG A 143 21.18 -4.83 -9.50
C ARG A 143 20.59 -6.06 -8.80
N ILE A 144 20.98 -7.25 -9.24
CA ILE A 144 20.54 -8.47 -8.60
C ILE A 144 20.91 -8.49 -7.12
N ARG A 145 22.16 -8.14 -6.80
CA ARG A 145 22.56 -8.12 -5.41
C ARG A 145 21.57 -7.24 -4.68
N GLU A 146 21.37 -6.03 -5.20
CA GLU A 146 20.52 -5.06 -4.55
C GLU A 146 19.21 -5.68 -4.19
N GLY A 147 18.68 -6.52 -5.09
CA GLY A 147 17.42 -7.21 -4.88
C GLY A 147 17.50 -8.24 -3.78
N LEU A 148 18.49 -9.09 -3.89
CA LEU A 148 18.77 -10.07 -2.87
C LEU A 148 18.61 -9.40 -1.50
N ALA A 149 19.18 -8.21 -1.40
CA ALA A 149 19.17 -7.44 -0.17
C ALA A 149 17.77 -7.17 0.28
N LEU A 150 17.12 -6.21 -0.38
CA LEU A 150 15.74 -5.84 -0.06
C LEU A 150 14.95 -7.09 0.27
N ALA A 151 15.13 -8.12 -0.55
CA ALA A 151 14.59 -9.44 -0.28
C ALA A 151 14.74 -9.79 1.20
N GLN A 152 15.98 -9.83 1.65
CA GLN A 152 16.24 -10.20 3.04
C GLN A 152 15.94 -9.01 3.93
N ALA A 153 16.58 -7.88 3.63
CA ALA A 153 16.45 -6.62 4.40
C ALA A 153 15.00 -6.24 4.80
N ALA A 154 14.10 -6.26 3.82
CA ALA A 154 12.66 -6.16 4.10
C ALA A 154 12.18 -7.39 4.89
N GLY A 155 12.30 -8.58 4.31
CA GLY A 155 12.11 -9.88 5.00
C GLY A 155 10.97 -10.08 6.00
N LYS A 156 9.83 -10.58 5.53
CA LYS A 156 8.75 -11.01 6.42
C LYS A 156 7.94 -9.89 7.07
N ARG A 157 8.42 -8.64 7.02
CA ARG A 157 7.55 -7.50 7.27
C ARG A 157 6.68 -7.32 6.05
N ARG A 158 5.38 -7.15 6.26
CA ARG A 158 4.43 -6.95 5.16
C ARG A 158 3.94 -5.52 5.04
N PRO A 159 3.46 -5.17 3.86
CA PRO A 159 2.84 -3.89 3.73
C PRO A 159 1.42 -3.88 4.31
N LEU A 160 1.07 -2.75 4.93
CA LEU A 160 -0.16 -2.57 5.71
C LEU A 160 -1.48 -2.98 5.05
N GLY A 161 -1.65 -2.56 3.81
CA GLY A 161 -2.87 -2.83 3.09
C GLY A 161 -2.94 -4.25 2.59
N ALA A 162 -1.86 -5.01 2.75
CA ALA A 162 -1.83 -6.38 2.25
C ALA A 162 -2.44 -7.28 3.26
N VAL A 163 -2.94 -6.69 4.33
CA VAL A 163 -3.52 -7.44 5.41
C VAL A 163 -4.70 -6.71 6.02
N LEU A 164 -4.79 -5.42 5.79
CA LEU A 164 -5.65 -4.58 6.58
C LEU A 164 -7.04 -5.14 6.67
N SER A 165 -7.70 -5.37 5.54
CA SER A 165 -9.08 -5.83 5.67
C SER A 165 -9.12 -7.16 6.43
N LEU A 166 -8.04 -7.95 6.35
CA LEU A 166 -7.91 -9.16 7.15
C LEU A 166 -7.76 -8.91 8.66
N ALA A 167 -7.12 -7.81 9.04
CA ALA A 167 -7.10 -7.41 10.47
C ALA A 167 -8.43 -6.80 10.92
N ARG A 168 -9.27 -6.36 9.99
CA ARG A 168 -10.64 -6.02 10.33
C ARG A 168 -11.39 -7.33 10.48
N SER A 169 -11.27 -8.19 9.46
CA SER A 169 -11.80 -9.54 9.49
C SER A 169 -11.78 -10.15 10.90
N LEU A 170 -10.61 -10.09 11.52
CA LEU A 170 -10.41 -10.62 12.87
C LEU A 170 -11.14 -9.85 13.98
N LEU A 171 -11.05 -8.53 13.91
CA LEU A 171 -11.44 -7.64 14.99
C LEU A 171 -12.90 -7.80 15.30
N GLU A 172 -13.70 -7.93 14.26
CA GLU A 172 -15.08 -8.27 14.45
C GLU A 172 -15.15 -9.60 15.19
N ALA A 173 -14.47 -10.60 14.64
CA ALA A 173 -14.46 -11.97 15.18
C ALA A 173 -14.11 -12.01 16.67
N ILE A 174 -13.07 -11.22 17.02
CA ILE A 174 -12.55 -11.03 18.41
C ILE A 174 -13.47 -10.27 19.35
N ARG A 175 -14.01 -9.17 18.85
CA ARG A 175 -15.02 -8.42 19.55
C ARG A 175 -16.23 -9.30 19.87
N ALA A 176 -16.69 -10.05 18.87
CA ALA A 176 -17.92 -10.83 19.02
C ALA A 176 -17.67 -12.25 19.60
N LEU A 177 -16.51 -12.47 20.19
CA LEU A 177 -16.34 -13.64 21.05
C LEU A 177 -17.15 -13.43 22.30
N PRO A 178 -17.35 -14.49 23.11
CA PRO A 178 -17.84 -14.28 24.45
C PRO A 178 -16.65 -13.91 25.36
N GLY A 179 -16.88 -12.96 26.28
CA GLY A 179 -15.87 -12.52 27.24
C GLY A 179 -14.91 -11.52 26.62
N VAL A 180 -15.44 -10.71 25.71
CA VAL A 180 -14.70 -9.65 25.05
C VAL A 180 -15.59 -8.43 25.05
N GLU A 181 -15.36 -7.50 25.98
CA GLU A 181 -16.19 -6.29 26.10
C GLU A 181 -15.84 -5.25 25.06
N ARG A 182 -14.56 -4.88 25.02
CA ARG A 182 -14.02 -4.00 23.99
C ARG A 182 -12.76 -4.63 23.37
N ALA A 183 -12.40 -4.22 22.17
CA ALA A 183 -11.19 -4.73 21.51
C ALA A 183 -10.79 -3.95 20.25
N GLU A 184 -9.56 -3.45 20.18
CA GLU A 184 -9.08 -2.73 18.99
C GLU A 184 -7.76 -3.32 18.43
N LEU A 185 -7.55 -3.19 17.13
CA LEU A 185 -6.23 -3.43 16.56
C LEU A 185 -5.33 -2.21 16.81
N CYS A 186 -4.14 -2.50 17.38
CA CYS A 186 -3.15 -1.49 17.73
C CYS A 186 -1.79 -1.71 17.06
N GLY A 187 -0.76 -1.23 17.72
CA GLY A 187 0.61 -1.29 17.24
C GLY A 187 0.91 -0.55 15.93
N SER A 188 1.62 -1.26 15.07
CA SER A 188 1.99 -0.76 13.77
C SER A 188 0.77 -0.42 12.92
N ALA A 189 -0.30 -1.23 13.01
CA ALA A 189 -1.43 -1.07 12.10
C ALA A 189 -2.25 0.18 12.47
N ARG A 190 -2.44 0.40 13.77
CA ARG A 190 -3.19 1.56 14.20
C ARG A 190 -2.39 2.83 14.01
N ARG A 191 -1.06 2.71 14.03
CA ARG A 191 -0.22 3.88 13.77
C ARG A 191 -0.12 4.16 12.26
N TYR A 192 -0.68 3.31 11.43
CA TYR A 192 -0.66 3.52 9.98
C TYR A 192 0.75 3.63 9.37
N LYS A 193 1.70 2.85 9.90
CA LYS A 193 3.05 2.69 9.31
C LYS A 193 2.92 1.89 8.00
N ASP A 194 3.67 2.29 6.98
CA ASP A 194 3.57 1.64 5.67
C ASP A 194 3.73 0.13 5.75
N THR A 195 4.73 -0.33 6.49
CA THR A 195 5.04 -1.75 6.62
C THR A 195 4.60 -2.26 8.00
N VAL A 196 4.14 -3.50 8.11
CA VAL A 196 3.87 -4.10 9.42
C VAL A 196 4.66 -5.40 9.58
N GLY A 197 4.93 -5.79 10.82
CA GLY A 197 5.52 -7.10 11.12
C GLY A 197 4.54 -8.11 11.69
N ASP A 198 3.51 -7.62 12.35
CA ASP A 198 2.59 -8.45 13.10
C ASP A 198 1.42 -7.58 13.45
N LEU A 199 0.31 -8.24 13.72
CA LEU A 199 -0.89 -7.57 14.20
C LEU A 199 -0.96 -7.56 15.73
N ASP A 200 -0.89 -6.36 16.30
CA ASP A 200 -0.96 -6.19 17.74
C ASP A 200 -2.37 -5.81 18.19
N PHE A 201 -3.06 -6.76 18.81
CA PHE A 201 -4.44 -6.56 19.26
C PHE A 201 -4.53 -6.41 20.78
N LEU A 202 -5.61 -5.74 21.22
CA LEU A 202 -5.93 -5.58 22.65
C LEU A 202 -7.36 -6.05 22.90
N VAL A 203 -7.65 -6.47 24.11
CA VAL A 203 -9.01 -6.89 24.47
C VAL A 203 -9.26 -6.51 25.92
N ALA A 204 -10.32 -5.75 26.20
CA ALA A 204 -10.67 -5.44 27.58
C ALA A 204 -11.56 -6.53 28.13
N SER A 205 -11.06 -7.32 29.09
CA SER A 205 -11.80 -8.48 29.66
C SER A 205 -11.50 -8.71 31.11
N ARG A 206 -12.54 -8.93 31.91
CA ARG A 206 -12.34 -9.48 33.26
C ARG A 206 -11.79 -10.90 33.10
N GLU A 207 -12.57 -11.74 32.42
CA GLU A 207 -12.32 -13.17 32.33
C GLU A 207 -11.69 -13.52 30.97
N GLY A 208 -10.36 -13.49 30.97
CA GLY A 208 -9.56 -13.55 29.75
C GLY A 208 -9.19 -14.93 29.29
N GLU A 209 -9.37 -15.92 30.16
CA GLU A 209 -9.11 -17.29 29.79
C GLU A 209 -10.25 -17.90 28.96
N ARG A 210 -11.25 -17.08 28.65
CA ARG A 210 -12.21 -17.37 27.58
C ARG A 210 -11.93 -16.47 26.36
N ALA A 211 -11.30 -15.34 26.63
CA ALA A 211 -10.69 -14.53 25.60
C ALA A 211 -9.56 -15.33 24.96
N VAL A 212 -8.38 -15.36 25.61
CA VAL A 212 -7.21 -16.06 25.07
C VAL A 212 -7.48 -17.50 24.61
N GLU A 213 -8.08 -18.29 25.48
CA GLU A 213 -8.40 -19.68 25.16
C GLU A 213 -9.05 -19.82 23.77
N GLY A 214 -10.20 -19.17 23.57
CA GLY A 214 -10.90 -19.19 22.27
C GLY A 214 -10.43 -18.17 21.21
N PHE A 215 -9.41 -17.39 21.56
CA PHE A 215 -8.70 -16.52 20.61
C PHE A 215 -8.09 -17.47 19.59
N VAL A 216 -7.14 -18.26 20.06
CA VAL A 216 -6.44 -19.26 19.27
C VAL A 216 -7.34 -20.21 18.49
N ARG A 217 -8.56 -20.44 18.96
CA ARG A 217 -9.45 -21.38 18.27
C ARG A 217 -10.19 -20.78 17.07
N LEU A 218 -9.61 -19.77 16.42
CA LEU A 218 -10.27 -19.10 15.28
C LEU A 218 -9.85 -19.81 14.00
N PRO A 219 -10.73 -19.81 12.96
CA PRO A 219 -10.51 -20.59 11.71
C PRO A 219 -9.43 -20.07 10.78
N GLN A 220 -8.87 -18.91 11.14
CA GLN A 220 -7.75 -18.27 10.44
C GLN A 220 -6.39 -18.64 11.05
N VAL A 221 -6.38 -19.56 12.02
CA VAL A 221 -5.11 -19.99 12.59
C VAL A 221 -4.57 -21.24 11.91
N LYS A 222 -3.29 -21.17 11.56
CA LYS A 222 -2.49 -22.35 11.38
C LYS A 222 -2.07 -22.71 12.80
N GLU A 223 -0.87 -22.31 13.22
CA GLU A 223 -0.23 -22.89 14.42
C GLU A 223 -0.24 -21.98 15.64
N VAL A 224 -0.33 -22.61 16.81
CA VAL A 224 -0.27 -21.91 18.10
C VAL A 224 1.19 -21.93 18.56
N TYR A 225 1.62 -20.82 19.15
CA TYR A 225 2.98 -20.68 19.63
C TYR A 225 3.08 -20.29 21.09
N ALA A 226 1.97 -19.82 21.68
CA ALA A 226 1.96 -19.38 23.08
C ALA A 226 0.53 -19.19 23.57
N LYS A 227 0.25 -19.67 24.78
CA LYS A 227 -1.08 -19.59 25.38
C LYS A 227 -0.98 -18.69 26.63
N GLY A 228 -2.09 -18.56 27.35
CA GLY A 228 -2.09 -17.86 28.62
C GLY A 228 -3.49 -17.68 29.12
N LYS A 229 -3.64 -16.71 30.01
CA LYS A 229 -4.93 -16.25 30.52
C LYS A 229 -5.09 -14.73 30.36
N GLU A 230 -3.98 -14.05 30.09
CA GLU A 230 -3.96 -12.62 29.83
C GLU A 230 -3.39 -12.30 28.44
N ARG A 231 -2.98 -13.32 27.68
CA ARG A 231 -2.26 -13.13 26.40
C ARG A 231 -2.07 -14.41 25.59
N ALA A 232 -1.61 -14.26 24.33
CA ALA A 232 -1.43 -15.37 23.36
C ALA A 232 -0.88 -14.95 21.98
N THR A 233 0.04 -15.74 21.42
CA THR A 233 0.60 -15.53 20.04
C THR A 233 0.09 -16.60 19.07
N VAL A 234 -0.09 -16.22 17.81
CA VAL A 234 -0.55 -17.13 16.73
C VAL A 234 0.15 -16.87 15.37
N PHE A 235 0.47 -17.95 14.66
CA PHE A 235 1.02 -17.84 13.29
C PHE A 235 0.04 -18.34 12.24
N LEU A 236 -0.55 -17.42 11.45
CA LEU A 236 -1.74 -17.72 10.62
C LEU A 236 -1.54 -18.73 9.48
N LYS A 237 -2.61 -19.10 8.79
CA LYS A 237 -2.55 -19.93 7.54
C LYS A 237 -1.84 -19.18 6.39
N ASN A 238 -1.79 -17.86 6.52
CA ASN A 238 -1.32 -16.95 5.49
C ASN A 238 0.19 -16.64 5.66
N GLY A 239 0.68 -16.76 6.90
CA GLY A 239 2.09 -16.53 7.23
C GLY A 239 2.28 -15.65 8.46
N LEU A 240 1.34 -14.74 8.70
CA LEU A 240 1.58 -13.64 9.66
C LEU A 240 1.40 -13.97 11.14
N GLN A 241 1.88 -13.07 11.97
CA GLN A 241 1.79 -13.22 13.40
C GLN A 241 0.87 -12.16 13.99
N VAL A 242 -0.14 -12.63 14.73
CA VAL A 242 -1.05 -11.76 15.46
C VAL A 242 -0.98 -12.08 16.94
N ASP A 243 -0.62 -11.10 17.74
CA ASP A 243 -0.53 -11.27 19.18
C ASP A 243 -1.87 -10.89 19.81
N LEU A 244 -2.01 -11.20 21.10
CA LEU A 244 -3.13 -10.72 21.93
C LEU A 244 -2.64 -10.35 23.32
N ARG A 245 -3.17 -9.25 23.86
CA ARG A 245 -3.03 -8.81 25.27
C ARG A 245 -4.42 -8.54 25.85
N VAL A 246 -4.59 -8.67 27.18
CA VAL A 246 -5.94 -8.77 27.74
C VAL A 246 -6.23 -7.91 28.97
N VAL A 247 -5.71 -6.69 29.06
CA VAL A 247 -5.94 -5.82 30.26
C VAL A 247 -7.42 -5.68 30.63
N PRO A 248 -7.70 -5.50 31.93
CA PRO A 248 -9.06 -5.53 32.37
C PRO A 248 -9.77 -4.22 32.07
N PRO A 249 -11.09 -4.23 32.10
CA PRO A 249 -11.92 -3.12 31.70
C PRO A 249 -11.53 -1.72 32.22
N GLU A 250 -11.06 -1.63 33.46
CA GLU A 250 -10.73 -0.31 34.07
C GLU A 250 -9.49 0.29 33.45
N SER A 251 -8.72 -0.57 32.75
CA SER A 251 -7.41 -0.24 32.20
C SER A 251 -7.39 -0.13 30.67
N TYR A 252 -8.51 -0.47 30.02
CA TYR A 252 -8.54 -0.59 28.56
C TYR A 252 -7.84 0.53 27.86
N GLY A 253 -7.90 1.74 28.44
CA GLY A 253 -7.25 2.92 27.90
C GLY A 253 -5.73 2.83 27.88
N ALA A 254 -5.12 2.62 29.04
CA ALA A 254 -3.67 2.35 29.08
C ALA A 254 -3.30 1.11 28.21
N GLY A 255 -4.15 0.09 28.25
CA GLY A 255 -4.01 -1.05 27.34
C GLY A 255 -3.78 -0.55 25.94
N LEU A 256 -4.70 0.25 25.45
CA LEU A 256 -4.56 0.80 24.12
C LEU A 256 -3.26 1.54 24.00
N GLN A 257 -2.92 2.35 24.98
CA GLN A 257 -1.70 3.13 24.86
C GLN A 257 -0.48 2.24 24.74
N TYR A 258 -0.30 1.31 25.67
CA TYR A 258 0.87 0.41 25.64
C TYR A 258 0.96 -0.35 24.33
N LEU A 259 -0.17 -0.94 23.93
CA LEU A 259 -0.22 -1.83 22.75
C LEU A 259 -0.14 -1.11 21.41
N THR A 260 -0.32 0.19 21.45
CA THR A 260 -0.10 1.02 20.29
C THR A 260 1.32 1.60 20.30
N GLY A 261 1.90 1.74 21.48
CA GLY A 261 3.18 2.37 21.58
C GLY A 261 3.08 3.69 20.83
N SER A 262 4.04 3.99 19.95
CA SER A 262 5.28 3.21 19.76
C SER A 262 6.20 3.21 20.99
N LYS A 263 7.11 2.25 21.00
CA LYS A 263 8.25 2.26 21.94
C LYS A 263 8.81 3.65 22.13
N ALA A 264 9.10 4.35 21.04
CA ALA A 264 9.68 5.68 21.11
C ALA A 264 8.73 6.64 21.78
N HIS A 265 7.46 6.56 21.39
CA HIS A 265 6.42 7.45 21.88
C HIS A 265 6.05 7.11 23.30
N SER A 266 5.81 5.83 23.58
CA SER A 266 5.45 5.40 24.94
C SER A 266 6.53 5.66 26.01
N ILE A 267 7.75 5.99 25.55
CA ILE A 267 8.88 6.23 26.46
C ILE A 267 8.97 7.72 26.81
N ARG A 268 8.57 8.60 25.89
CA ARG A 268 8.48 10.04 26.22
C ARG A 268 7.31 10.24 27.18
N LEU A 269 6.30 9.38 27.03
CA LEU A 269 5.11 9.40 27.86
C LEU A 269 5.39 8.98 29.29
N ARG A 270 5.88 7.75 29.46
CA ARG A 270 6.22 7.25 30.79
C ARG A 270 7.18 8.21 31.54
N ALA A 271 8.09 8.84 30.80
CA ALA A 271 9.01 9.85 31.33
C ALA A 271 8.23 11.02 31.94
N LEU A 272 7.26 11.57 31.20
CA LEU A 272 6.40 12.63 31.74
C LEU A 272 5.75 12.23 33.06
N ALA A 273 5.23 11.00 33.14
CA ALA A 273 4.69 10.49 34.39
C ALA A 273 5.76 10.58 35.48
N GLN A 274 6.98 10.15 35.16
CA GLN A 274 8.09 10.20 36.12
C GLN A 274 8.29 11.63 36.65
N GLU A 275 8.72 12.54 35.79
CA GLU A 275 9.06 13.91 36.19
C GLU A 275 7.87 14.71 36.73
N LYS A 276 6.65 14.16 36.58
CA LYS A 276 5.43 14.74 37.17
C LYS A 276 4.89 13.91 38.36
N GLY A 277 5.76 13.11 38.99
CA GLY A 277 5.42 12.32 40.17
C GLY A 277 4.47 11.14 39.96
N LEU A 278 4.27 10.76 38.69
CA LEU A 278 3.26 9.77 38.28
C LEU A 278 3.85 8.58 37.54
N LYS A 279 3.03 7.56 37.32
CA LYS A 279 3.50 6.31 36.74
C LYS A 279 2.53 5.82 35.68
N LEU A 280 2.97 5.86 34.42
CA LEU A 280 2.17 5.37 33.30
C LEU A 280 2.54 3.93 32.98
N SER A 281 1.55 3.06 32.96
CA SER A 281 1.74 1.66 32.59
C SER A 281 0.71 1.26 31.54
N GLU A 282 0.57 -0.06 31.34
CA GLU A 282 -0.49 -0.62 30.49
C GLU A 282 -1.79 -0.82 31.25
N TYR A 283 -1.75 -0.45 32.53
CA TYR A 283 -2.86 -0.57 33.43
C TYR A 283 -3.42 0.79 33.82
N GLY A 284 -2.53 1.76 34.01
CA GLY A 284 -2.96 3.11 34.28
C GLY A 284 -1.87 4.15 34.38
N VAL A 285 -2.22 5.24 35.05
CA VAL A 285 -1.30 6.29 35.46
C VAL A 285 -1.53 6.53 36.95
N PHE A 286 -0.48 6.67 37.73
CA PHE A 286 -0.67 6.57 39.15
C PHE A 286 0.01 7.64 39.93
N ARG A 287 -0.58 8.00 41.06
CA ARG A 287 0.15 8.60 42.17
C ARG A 287 -0.02 7.62 43.34
N GLY A 288 1.03 6.91 43.68
CA GLY A 288 0.94 5.88 44.71
C GLY A 288 0.18 4.68 44.15
N GLU A 289 -0.67 4.08 44.96
CA GLU A 289 -1.51 2.93 44.52
C GLU A 289 -2.79 3.36 43.79
N LYS A 290 -3.10 4.65 43.85
CA LYS A 290 -4.30 5.18 43.24
C LYS A 290 -4.02 5.31 41.76
N ARG A 291 -4.89 4.68 40.98
CA ARG A 291 -4.88 4.78 39.54
C ARG A 291 -5.60 6.07 39.21
N ILE A 292 -4.87 7.09 38.76
CA ILE A 292 -5.53 8.34 38.35
C ILE A 292 -6.03 8.37 36.89
N ALA A 293 -5.96 7.25 36.19
CA ALA A 293 -6.49 7.16 34.82
C ALA A 293 -6.34 5.72 34.25
N GLY A 294 -7.21 5.39 33.30
CA GLY A 294 -7.16 4.08 32.63
C GLY A 294 -8.40 3.79 31.82
N GLU A 295 -9.55 3.83 32.50
CA GLU A 295 -10.89 3.71 31.88
C GLU A 295 -10.93 4.00 30.33
N THR A 296 -10.42 5.14 29.87
CA THR A 296 -10.36 5.37 28.44
C THR A 296 -9.10 6.13 28.11
N GLU A 297 -8.81 6.23 26.81
CA GLU A 297 -7.49 6.64 26.35
C GLU A 297 -7.28 8.12 26.45
N GLU A 298 -8.29 8.92 26.17
CA GLU A 298 -8.14 10.36 26.33
C GLU A 298 -7.99 10.59 27.82
N GLU A 299 -8.84 9.91 28.58
CA GLU A 299 -8.91 10.06 30.03
C GLU A 299 -7.53 9.92 30.69
N VAL A 300 -6.68 9.08 30.11
CA VAL A 300 -5.25 9.04 30.43
C VAL A 300 -4.47 10.26 29.94
N TYR A 301 -4.30 10.39 28.61
CA TYR A 301 -3.51 11.48 28.01
C TYR A 301 -3.76 12.80 28.70
N ALA A 302 -5.04 13.03 29.01
CA ALA A 302 -5.48 14.17 29.79
C ALA A 302 -4.87 14.11 31.17
N ALA A 303 -4.77 12.91 31.73
CA ALA A 303 -4.15 12.69 33.04
C ALA A 303 -2.65 13.02 33.10
N LEU A 304 -1.94 12.97 31.96
CA LEU A 304 -0.52 13.34 31.86
C LEU A 304 -0.35 14.78 31.40
N GLY A 305 -1.47 15.49 31.35
CA GLY A 305 -1.50 16.89 30.97
C GLY A 305 -1.32 17.12 29.48
N LEU A 306 -1.90 16.24 28.68
CA LEU A 306 -1.80 16.37 27.23
C LEU A 306 -3.13 16.14 26.47
N PRO A 307 -3.22 16.72 25.25
CA PRO A 307 -4.37 16.57 24.41
C PRO A 307 -4.21 15.31 23.57
N TRP A 308 -5.16 14.38 23.66
CA TRP A 308 -5.13 13.08 22.93
C TRP A 308 -4.40 13.14 21.60
N ILE A 309 -3.26 12.44 21.52
CA ILE A 309 -2.46 12.38 20.29
C ILE A 309 -2.94 11.20 19.39
N PRO A 310 -3.02 11.43 18.06
CA PRO A 310 -3.43 10.41 17.08
C PRO A 310 -2.40 9.33 16.83
N PRO A 311 -2.82 8.08 16.92
CA PRO A 311 -1.86 7.05 16.54
C PRO A 311 -0.82 7.54 15.50
N PRO A 312 -1.25 7.86 14.27
CA PRO A 312 -0.29 8.27 13.25
C PRO A 312 0.78 9.25 13.66
N LEU A 313 0.55 10.02 14.72
CA LEU A 313 1.54 10.96 15.16
C LEU A 313 2.47 10.34 16.18
N ARG A 314 2.10 9.18 16.74
CA ARG A 314 2.80 8.58 17.91
C ARG A 314 4.17 8.03 17.55
N GLU A 315 5.17 8.89 17.43
CA GLU A 315 6.48 8.45 16.99
C GLU A 315 7.67 8.98 17.75
N ASP A 316 7.46 9.94 18.63
CA ASP A 316 8.57 10.69 19.20
C ASP A 316 9.30 11.39 18.05
N GLN A 317 8.61 12.34 17.47
CA GLN A 317 9.18 13.18 16.42
C GLN A 317 8.71 14.64 16.57
N GLY A 318 7.97 14.92 17.63
CA GLY A 318 7.43 16.25 17.81
C GLY A 318 6.11 16.22 18.53
N GLU A 319 5.28 15.22 18.23
CA GLU A 319 3.93 15.14 18.82
C GLU A 319 3.87 15.45 20.33
N VAL A 320 4.81 14.89 21.10
CA VAL A 320 4.82 15.03 22.55
C VAL A 320 5.07 16.49 22.95
N GLU A 321 6.07 17.09 22.29
CA GLU A 321 6.41 18.49 22.52
C GLU A 321 5.29 19.43 22.13
N ALA A 322 4.76 19.27 20.92
CA ALA A 322 3.66 20.08 20.42
C ALA A 322 2.35 19.93 21.24
N ALA A 323 2.14 18.76 21.84
CA ALA A 323 0.97 18.49 22.70
C ALA A 323 0.99 19.43 23.90
N LEU A 324 2.20 19.71 24.38
CA LEU A 324 2.42 20.55 25.54
C LEU A 324 2.29 22.06 25.30
N GLU A 325 1.88 22.45 24.10
CA GLU A 325 1.51 23.85 23.84
C GLU A 325 0.10 23.97 23.24
N GLY A 326 -0.59 22.84 23.13
CA GLY A 326 -1.83 22.77 22.34
C GLY A 326 -1.60 22.84 20.84
N ARG A 327 -0.33 22.75 20.43
CA ARG A 327 0.09 23.03 19.04
C ARG A 327 -0.03 21.81 18.11
N LEU A 328 -0.58 20.72 18.63
CA LEU A 328 -0.91 19.55 17.82
C LEU A 328 -1.56 19.99 16.51
N PRO A 329 -0.94 19.65 15.37
CA PRO A 329 -1.41 20.14 14.10
C PRO A 329 -2.81 19.70 13.71
N LYS A 330 -3.36 20.37 12.71
CA LYS A 330 -4.67 20.05 12.17
C LYS A 330 -4.40 19.07 11.04
N LEU A 331 -5.17 17.98 11.01
CA LEU A 331 -4.91 16.87 10.11
C LEU A 331 -6.02 16.66 9.12
N LEU A 332 -5.68 16.05 8.01
CA LEU A 332 -6.67 15.63 7.04
C LEU A 332 -7.56 14.55 7.64
N GLU A 333 -8.78 14.39 7.13
CA GLU A 333 -9.65 13.30 7.55
C GLU A 333 -10.29 12.69 6.31
N LEU A 334 -10.61 11.40 6.38
CA LEU A 334 -11.16 10.70 5.20
C LEU A 334 -12.39 11.39 4.65
N PRO A 335 -13.31 11.81 5.53
CA PRO A 335 -14.35 12.75 5.21
C PRO A 335 -13.97 13.73 4.15
N GLN A 336 -12.95 14.56 4.43
CA GLN A 336 -12.52 15.68 3.56
C GLN A 336 -12.17 15.38 2.10
N VAL A 337 -11.78 14.14 1.78
CA VAL A 337 -11.23 13.88 0.44
C VAL A 337 -12.30 13.84 -0.61
N LYS A 338 -12.22 14.74 -1.58
CA LYS A 338 -13.31 14.88 -2.53
C LYS A 338 -13.05 14.14 -3.83
N GLY A 339 -11.97 13.38 -3.87
CA GLY A 339 -11.61 12.69 -5.10
C GLY A 339 -10.28 11.97 -5.09
N ASP A 340 -10.16 11.06 -6.04
CA ASP A 340 -8.95 10.30 -6.34
C ASP A 340 -8.20 10.97 -7.46
N LEU A 341 -6.89 11.00 -7.36
CA LEU A 341 -6.11 11.72 -8.33
C LEU A 341 -5.04 10.80 -8.93
N GLN A 342 -5.52 9.64 -9.35
CA GLN A 342 -4.84 8.73 -10.28
C GLN A 342 -5.52 7.40 -10.28
N VAL A 343 -6.15 7.03 -11.38
CA VAL A 343 -6.68 5.68 -11.54
C VAL A 343 -6.48 5.28 -12.99
N HIS A 344 -6.80 4.06 -13.35
CA HIS A 344 -6.46 3.60 -14.68
C HIS A 344 -7.57 2.80 -15.32
N SER A 345 -7.73 3.04 -16.63
CA SER A 345 -8.77 2.39 -17.42
C SER A 345 -8.17 1.49 -18.46
N THR A 346 -9.02 1.02 -19.35
CA THR A 346 -8.60 0.12 -20.42
C THR A 346 -7.88 0.76 -21.61
N TYR A 347 -7.69 2.08 -21.60
CA TYR A 347 -6.81 2.72 -22.57
C TYR A 347 -5.33 2.42 -22.27
N SER A 348 -5.08 1.78 -21.13
CA SER A 348 -3.75 1.37 -20.74
C SER A 348 -3.91 0.16 -19.84
N ASP A 349 -2.94 -0.09 -18.96
CA ASP A 349 -2.96 -1.28 -18.08
C ASP A 349 -4.22 -1.42 -17.21
N GLY A 350 -5.00 -0.35 -17.01
CA GLY A 350 -6.22 -0.43 -16.22
C GLY A 350 -7.18 -1.45 -16.78
N GLN A 351 -8.07 -1.98 -15.93
CA GLN A 351 -8.98 -3.10 -16.30
C GLN A 351 -10.44 -2.66 -16.53
N ASN A 352 -10.67 -1.35 -16.56
CA ASN A 352 -12.01 -0.78 -16.48
C ASN A 352 -12.41 0.01 -17.70
N THR A 353 -13.72 0.01 -17.97
CA THR A 353 -14.35 0.95 -18.86
C THR A 353 -14.59 2.15 -18.00
N LEU A 354 -15.01 3.24 -18.62
CA LEU A 354 -15.16 4.52 -17.90
C LEU A 354 -16.42 4.56 -17.03
N GLU A 355 -17.48 3.89 -17.48
CA GLU A 355 -18.70 3.74 -16.71
C GLU A 355 -18.38 3.15 -15.34
N GLU A 356 -17.65 2.05 -15.38
CA GLU A 356 -17.35 1.27 -14.21
C GLU A 356 -16.58 2.15 -13.26
N LEU A 357 -15.61 2.88 -13.79
CA LEU A 357 -14.82 3.83 -13.02
C LEU A 357 -15.71 4.92 -12.41
N TRP A 358 -16.59 5.50 -13.23
CA TRP A 358 -17.54 6.50 -12.75
C TRP A 358 -18.31 5.90 -11.57
N GLU A 359 -19.10 4.88 -11.84
CA GLU A 359 -20.07 4.38 -10.89
C GLU A 359 -19.40 4.15 -9.56
N ALA A 360 -18.17 3.64 -9.66
CA ALA A 360 -17.34 3.40 -8.51
C ALA A 360 -17.08 4.68 -7.66
N ALA A 361 -16.80 5.80 -8.33
CA ALA A 361 -16.49 7.07 -7.63
C ALA A 361 -17.72 7.67 -6.99
N LYS A 362 -18.85 7.36 -7.60
CA LYS A 362 -20.12 7.82 -7.12
C LYS A 362 -20.32 7.16 -5.76
N THR A 363 -20.49 5.84 -5.73
CA THR A 363 -20.80 5.16 -4.48
C THR A 363 -19.79 5.63 -3.43
N MET A 364 -18.51 5.55 -3.80
CA MET A 364 -17.43 6.11 -2.99
C MET A 364 -17.80 7.43 -2.37
N GLY A 365 -18.44 8.28 -3.17
CA GLY A 365 -18.78 9.61 -2.72
C GLY A 365 -17.62 10.55 -3.01
N TYR A 366 -17.24 10.63 -4.29
CA TYR A 366 -16.30 11.62 -4.73
C TYR A 366 -17.01 12.66 -5.58
N ARG A 367 -16.44 13.86 -5.55
CA ARG A 367 -16.89 14.98 -6.35
C ARG A 367 -16.22 14.89 -7.73
N TYR A 368 -15.09 14.18 -7.81
CA TYR A 368 -14.37 14.08 -9.07
C TYR A 368 -13.48 12.87 -9.12
N LEU A 369 -12.81 12.69 -10.25
CA LEU A 369 -11.89 11.56 -10.47
C LEU A 369 -11.04 11.74 -11.76
N ALA A 370 -9.73 11.56 -11.65
CA ALA A 370 -8.85 11.65 -12.82
C ALA A 370 -8.63 10.25 -13.38
N VAL A 371 -8.70 10.08 -14.70
CA VAL A 371 -8.48 8.75 -15.28
C VAL A 371 -7.12 8.70 -15.94
N THR A 372 -6.09 8.79 -15.13
CA THR A 372 -4.73 9.05 -15.58
C THR A 372 -3.97 7.84 -16.14
N ASP A 373 -4.36 7.42 -17.34
CA ASP A 373 -3.70 6.33 -18.03
C ASP A 373 -2.23 6.67 -18.35
N HIS A 374 -1.50 5.69 -18.86
CA HIS A 374 -0.05 5.80 -19.04
C HIS A 374 0.33 6.26 -20.42
N SER A 375 1.31 7.15 -20.49
CA SER A 375 2.02 7.41 -21.74
C SER A 375 2.74 6.12 -22.21
N PRO A 376 3.25 6.11 -23.44
CA PRO A 376 3.84 4.88 -23.94
C PRO A 376 5.15 4.46 -23.31
N ALA A 377 5.86 5.36 -22.64
CA ALA A 377 7.19 5.04 -22.14
C ALA A 377 7.17 3.96 -21.06
N VAL A 378 6.28 2.99 -21.21
CA VAL A 378 6.06 1.97 -20.17
C VAL A 378 6.10 0.54 -20.74
N ARG A 379 5.19 0.24 -21.69
CA ARG A 379 5.14 -1.11 -22.30
C ARG A 379 5.74 -1.12 -23.73
N VAL A 380 7.01 -0.69 -23.84
CA VAL A 380 7.79 -0.64 -25.10
C VAL A 380 7.47 -1.80 -26.06
N GLY A 383 0.57 3.19 -26.80
CA GLY A 383 -0.62 2.79 -26.06
C GLY A 383 -0.80 3.62 -24.80
N PRO A 384 -1.52 4.78 -24.89
CA PRO A 384 -2.02 5.39 -26.13
C PRO A 384 -0.99 6.23 -26.91
N SER A 385 -1.34 6.45 -28.17
CA SER A 385 -0.59 7.26 -29.09
C SER A 385 -1.02 8.72 -28.95
N PRO A 386 -0.09 9.67 -29.21
CA PRO A 386 -0.47 11.06 -29.19
C PRO A 386 -1.87 11.28 -29.75
N GLU A 387 -2.17 10.69 -30.91
CA GLU A 387 -3.53 10.71 -31.46
C GLU A 387 -4.56 9.99 -30.55
N GLU A 388 -4.32 8.71 -30.25
CA GLU A 388 -5.25 7.99 -29.37
C GLU A 388 -5.36 8.67 -28.01
N ALA A 389 -4.38 9.50 -27.67
CA ALA A 389 -4.51 10.38 -26.55
C ALA A 389 -5.66 11.33 -26.81
N LEU A 390 -5.57 12.07 -27.91
CA LEU A 390 -6.61 13.04 -28.26
C LEU A 390 -8.00 12.45 -28.30
N LYS A 391 -8.13 11.30 -28.95
CA LYS A 391 -9.43 10.65 -29.06
C LYS A 391 -9.93 10.35 -27.66
N ARG A 392 -9.06 9.75 -26.86
CA ARG A 392 -9.37 9.47 -25.46
C ARG A 392 -9.97 10.70 -24.83
N VAL A 393 -9.19 11.79 -24.76
CA VAL A 393 -9.69 13.09 -24.25
C VAL A 393 -11.09 13.40 -24.82
N GLY A 394 -11.24 13.26 -26.11
CA GLY A 394 -12.52 13.47 -26.72
C GLY A 394 -13.59 12.54 -26.20
N GLU A 395 -13.29 11.25 -26.09
CA GLU A 395 -14.27 10.29 -25.58
C GLU A 395 -14.72 10.67 -24.17
N ILE A 396 -13.74 11.00 -23.33
CA ILE A 396 -13.99 11.41 -21.97
C ILE A 396 -14.86 12.66 -21.95
N ARG A 397 -14.35 13.75 -22.51
CA ARG A 397 -15.09 15.03 -22.58
C ARG A 397 -16.49 14.86 -23.12
N ARG A 398 -16.61 14.06 -24.18
CA ARG A 398 -17.92 13.76 -24.80
C ARG A 398 -18.66 12.63 -24.05
N PHE A 399 -17.97 11.93 -23.16
CA PHE A 399 -18.61 11.08 -22.17
C PHE A 399 -19.12 11.91 -21.00
N ASN A 400 -18.30 12.85 -20.56
CA ASN A 400 -18.59 13.68 -19.40
C ASN A 400 -20.01 14.22 -19.43
N GLU A 401 -20.40 14.82 -20.54
CA GLU A 401 -21.69 15.49 -20.58
C GLU A 401 -22.85 14.57 -20.99
N THR A 402 -22.55 13.35 -21.43
CA THR A 402 -23.58 12.32 -21.55
C THR A 402 -23.79 11.61 -20.20
N HIS A 403 -23.17 12.12 -19.13
CA HIS A 403 -23.41 11.65 -17.75
C HIS A 403 -23.42 12.83 -16.76
N GLY A 404 -23.84 12.57 -15.52
CA GLY A 404 -24.00 13.63 -14.52
C GLY A 404 -22.68 14.12 -13.94
N PRO A 405 -22.59 14.16 -12.61
CA PRO A 405 -21.34 14.12 -11.85
C PRO A 405 -21.23 12.77 -11.11
N PRO A 406 -20.03 12.42 -10.60
CA PRO A 406 -18.79 13.20 -10.60
C PRO A 406 -18.11 13.37 -11.99
N TYR A 407 -17.14 14.29 -12.01
CA TYR A 407 -16.50 14.70 -13.26
C TYR A 407 -15.17 13.95 -13.44
N LEU A 408 -15.12 13.05 -14.43
CA LEU A 408 -13.87 12.39 -14.81
C LEU A 408 -12.90 13.38 -15.43
N LEU A 409 -11.88 13.80 -14.71
CA LEU A 409 -10.82 14.57 -15.35
C LEU A 409 -10.11 13.67 -16.37
N ALA A 410 -9.76 14.25 -17.52
CA ALA A 410 -9.01 13.53 -18.53
C ALA A 410 -7.53 13.79 -18.32
N GLY A 411 -6.87 12.80 -17.71
CA GLY A 411 -5.50 12.96 -17.25
C GLY A 411 -4.58 11.88 -17.76
N ALA A 412 -3.31 11.93 -17.34
CA ALA A 412 -2.32 10.99 -17.82
C ALA A 412 -1.08 10.90 -16.93
N GLU A 413 -0.63 9.67 -16.65
CA GLU A 413 0.66 9.47 -16.01
C GLU A 413 1.72 9.43 -17.08
N VAL A 414 2.50 10.51 -17.16
CA VAL A 414 3.49 10.69 -18.22
C VAL A 414 4.85 10.33 -17.72
N ASP A 415 5.57 9.49 -18.45
CA ASP A 415 6.90 9.14 -18.02
C ASP A 415 7.88 10.32 -18.16
N ILE A 416 8.92 10.31 -17.36
CA ILE A 416 10.04 11.18 -17.57
C ILE A 416 11.03 10.44 -18.43
N HIS A 417 11.57 11.11 -19.44
CA HIS A 417 12.71 10.58 -20.16
C HIS A 417 13.95 10.85 -19.32
N PRO A 418 15.01 10.05 -19.54
CA PRO A 418 16.23 10.22 -18.80
C PRO A 418 16.83 11.63 -18.88
N ASP A 419 16.81 12.23 -20.06
CA ASP A 419 17.24 13.61 -20.19
C ASP A 419 16.40 14.59 -19.33
N GLY A 420 15.15 14.22 -19.01
CA GLY A 420 14.24 15.07 -18.23
C GLY A 420 13.09 15.61 -19.06
N THR A 421 13.14 15.31 -20.35
CA THR A 421 12.06 15.61 -21.30
C THR A 421 10.87 14.73 -20.93
N LEU A 422 9.67 15.08 -21.35
CA LEU A 422 8.48 14.29 -21.00
C LEU A 422 8.06 13.40 -22.13
N ASP A 423 7.17 12.44 -21.87
CA ASP A 423 6.91 11.39 -22.85
C ASP A 423 5.74 11.59 -23.78
N TYR A 424 4.93 12.62 -23.54
CA TYR A 424 4.04 13.12 -24.57
C TYR A 424 4.64 14.45 -25.04
N PRO A 425 3.96 15.16 -25.93
CA PRO A 425 4.41 16.52 -26.19
C PRO A 425 3.53 17.58 -25.57
N ASP A 426 4.11 18.77 -25.52
CA ASP A 426 3.37 19.99 -25.19
C ASP A 426 2.05 19.89 -25.90
N TRP A 427 2.11 19.76 -27.22
CA TRP A 427 0.91 19.89 -28.02
C TRP A 427 -0.25 19.06 -27.52
N VAL A 428 0.06 17.88 -26.96
CA VAL A 428 -0.97 17.04 -26.40
C VAL A 428 -1.36 17.60 -25.06
N LEU A 429 -0.34 17.81 -24.24
CA LEU A 429 -0.57 18.07 -22.82
C LEU A 429 -1.66 19.10 -22.67
N ARG A 430 -1.51 20.16 -23.45
CA ARG A 430 -2.49 21.25 -23.59
C ARG A 430 -3.95 20.82 -23.40
N GLU A 431 -4.35 19.64 -23.88
CA GLU A 431 -5.77 19.26 -23.93
C GLU A 431 -6.20 18.45 -22.72
N LEU A 432 -5.25 18.23 -21.82
CA LEU A 432 -5.49 17.36 -20.68
C LEU A 432 -6.04 18.14 -19.50
N ASP A 433 -6.76 17.43 -18.65
CA ASP A 433 -7.21 18.01 -17.41
C ASP A 433 -6.08 17.92 -16.41
N LEU A 434 -5.43 16.78 -16.35
CA LEU A 434 -4.41 16.56 -15.35
C LEU A 434 -3.18 15.94 -15.95
N VAL A 435 -2.03 16.31 -15.42
CA VAL A 435 -0.79 15.86 -15.96
C VAL A 435 -0.01 15.31 -14.82
N LEU A 436 0.17 14.00 -14.80
CA LEU A 436 1.03 13.36 -13.82
C LEU A 436 2.37 13.16 -14.45
N VAL A 437 3.43 13.16 -13.64
CA VAL A 437 4.76 12.79 -14.12
C VAL A 437 5.53 11.98 -13.09
N SER A 438 6.05 10.85 -13.51
CA SER A 438 6.66 9.94 -12.59
C SER A 438 7.59 9.03 -13.35
N VAL A 439 8.78 8.81 -12.83
CA VAL A 439 9.77 8.03 -13.55
C VAL A 439 9.42 6.53 -13.55
N HIS A 440 9.81 5.85 -14.62
CA HIS A 440 9.74 4.38 -14.66
C HIS A 440 10.98 3.82 -15.32
N SER A 441 12.11 4.45 -15.09
CA SER A 441 13.25 4.24 -15.95
C SER A 441 14.54 4.73 -15.31
N ARG A 442 15.62 3.98 -15.53
CA ARG A 442 16.90 4.20 -14.84
C ARG A 442 16.77 4.89 -13.50
N PHE A 443 16.51 4.07 -12.50
CA PHE A 443 16.19 4.56 -11.17
C PHE A 443 17.45 4.94 -10.44
N ASN A 444 18.57 4.42 -10.93
CA ASN A 444 19.84 4.58 -10.23
C ASN A 444 20.83 5.35 -11.07
N LEU A 445 20.73 6.66 -10.96
CA LEU A 445 21.77 7.54 -11.38
C LEU A 445 22.15 8.24 -10.10
N PRO A 446 23.38 8.75 -10.03
CA PRO A 446 23.78 9.45 -8.82
C PRO A 446 22.77 10.51 -8.43
N LYS A 447 22.52 10.60 -7.14
CA LYS A 447 21.51 11.47 -6.56
C LYS A 447 21.32 12.73 -7.39
N ALA A 448 22.38 13.54 -7.48
CA ALA A 448 22.31 14.91 -8.03
C ALA A 448 22.44 15.02 -9.57
N ASP A 449 22.47 13.88 -10.25
CA ASP A 449 22.28 13.84 -11.69
C ASP A 449 20.86 13.35 -11.97
N GLN A 450 20.42 12.38 -11.18
CA GLN A 450 19.01 12.04 -11.05
C GLN A 450 18.21 13.25 -10.54
N THR A 451 18.86 14.19 -9.86
CA THR A 451 18.20 15.42 -9.43
C THR A 451 18.02 16.39 -10.57
N LYS A 452 18.99 16.45 -11.46
CA LYS A 452 18.81 17.22 -12.69
C LYS A 452 17.55 16.75 -13.36
N ARG A 453 17.49 15.45 -13.65
CA ARG A 453 16.34 14.85 -14.31
C ARG A 453 15.01 15.39 -13.81
N LEU A 454 14.79 15.30 -12.51
CA LEU A 454 13.53 15.73 -11.95
C LEU A 454 13.29 17.24 -12.10
N LEU A 455 14.35 18.03 -11.99
CA LEU A 455 14.23 19.46 -12.20
C LEU A 455 13.97 19.76 -13.68
N LYS A 456 14.60 18.96 -14.52
CA LYS A 456 14.45 19.08 -15.96
C LYS A 456 13.04 18.67 -16.38
N ALA A 457 12.47 17.69 -15.69
CA ALA A 457 11.06 17.41 -15.85
C ALA A 457 10.29 18.61 -15.35
N LEU A 458 10.59 19.05 -14.13
CA LEU A 458 9.86 20.15 -13.47
C LEU A 458 9.81 21.46 -14.27
N GLU A 459 10.57 21.51 -15.38
CA GLU A 459 10.64 22.74 -16.17
C GLU A 459 9.40 23.02 -17.04
N ASN A 460 8.78 21.98 -17.58
CA ASN A 460 7.51 22.08 -18.30
C ASN A 460 6.42 22.74 -17.42
N PRO A 461 5.57 23.60 -18.02
CA PRO A 461 4.55 24.32 -17.26
C PRO A 461 3.16 23.71 -17.33
N PHE A 462 2.96 22.68 -18.16
CA PHE A 462 1.68 21.99 -18.14
C PHE A 462 1.62 20.96 -17.00
N VAL A 463 2.77 20.71 -16.36
CA VAL A 463 2.90 19.70 -15.29
C VAL A 463 2.10 20.02 -14.02
N HIS A 464 1.19 19.13 -13.63
CA HIS A 464 0.41 19.34 -12.40
C HIS A 464 0.99 18.60 -11.17
N VAL A 465 0.83 17.27 -11.13
CA VAL A 465 1.29 16.44 -10.00
C VAL A 465 2.56 15.68 -10.32
N LEU A 466 3.34 15.42 -9.28
CA LEU A 466 4.52 14.62 -9.37
C LEU A 466 4.17 13.29 -8.72
N ALA A 467 3.85 12.31 -9.55
CA ALA A 467 3.26 11.05 -9.10
C ALA A 467 4.29 10.11 -8.53
N HIS A 468 3.78 9.10 -7.81
CA HIS A 468 4.58 8.27 -6.95
C HIS A 468 6.08 8.57 -7.05
N PRO A 469 6.50 9.64 -6.39
CA PRO A 469 7.79 10.22 -6.66
C PRO A 469 8.99 9.34 -6.56
N THR A 470 9.14 8.53 -5.53
CA THR A 470 10.41 7.81 -5.38
C THR A 470 10.46 6.46 -6.10
N ALA A 471 9.35 6.05 -6.70
CA ALA A 471 9.28 4.78 -7.42
C ALA A 471 9.37 3.57 -6.50
N ARG A 472 9.57 3.81 -5.23
CA ARG A 472 9.64 2.77 -4.24
C ARG A 472 8.60 1.68 -4.49
N LEU A 473 9.03 0.48 -4.84
CA LEU A 473 8.17 -0.68 -4.73
C LEU A 473 8.61 -1.47 -3.52
N LEU A 474 7.66 -1.82 -2.67
CA LEU A 474 7.94 -2.32 -1.34
C LEU A 474 8.47 -3.71 -1.44
N GLY A 475 9.62 -3.90 -0.80
CA GLY A 475 10.29 -5.19 -0.80
C GLY A 475 10.71 -5.63 -2.18
N ARG A 476 10.78 -4.68 -3.10
CA ARG A 476 11.12 -4.98 -4.47
C ARG A 476 12.03 -3.96 -5.08
N ARG A 477 11.96 -2.71 -4.64
CA ARG A 477 12.85 -1.69 -5.18
C ARG A 477 13.01 -0.56 -4.21
N ALA A 478 14.25 -0.31 -3.86
CA ALA A 478 14.55 0.73 -2.91
C ALA A 478 14.08 2.00 -3.55
N PRO A 479 13.67 2.96 -2.72
CA PRO A 479 13.36 4.26 -3.25
C PRO A 479 14.46 4.70 -4.19
N ILE A 480 14.16 5.70 -4.99
CA ILE A 480 15.17 6.28 -5.83
C ILE A 480 15.84 7.39 -5.03
N GLU A 481 16.97 7.89 -5.54
CA GLU A 481 17.88 8.73 -4.78
C GLU A 481 17.98 10.11 -5.40
N ALA A 482 17.60 11.15 -4.65
CA ALA A 482 17.55 12.56 -5.16
C ALA A 482 17.60 13.61 -4.06
N ASP A 483 18.03 14.83 -4.42
CA ASP A 483 17.93 15.98 -3.50
C ASP A 483 16.51 16.53 -3.47
N TRP A 484 15.70 15.94 -2.59
CA TRP A 484 14.28 16.20 -2.54
C TRP A 484 14.11 17.60 -2.04
N GLU A 485 14.91 17.90 -1.02
CA GLU A 485 15.13 19.24 -0.56
C GLU A 485 14.91 20.20 -1.73
N ALA A 486 15.74 20.03 -2.76
CA ALA A 486 15.72 20.87 -3.95
C ALA A 486 14.54 20.59 -4.87
N VAL A 487 14.09 19.33 -4.92
CA VAL A 487 12.99 18.98 -5.79
C VAL A 487 11.75 19.72 -5.34
N PHE A 488 11.28 19.43 -4.14
CA PHE A 488 10.05 20.05 -3.62
C PHE A 488 10.14 21.57 -3.64
N GLN A 489 11.34 22.07 -3.38
CA GLN A 489 11.70 23.46 -3.63
C GLN A 489 11.21 23.85 -5.02
N LYS A 490 11.73 23.21 -6.06
CA LYS A 490 11.34 23.57 -7.42
C LYS A 490 9.85 23.36 -7.69
N ALA A 491 9.24 22.45 -6.92
CA ALA A 491 7.82 22.15 -7.06
C ALA A 491 6.95 23.15 -6.33
N LYS A 492 7.45 23.68 -5.23
CA LYS A 492 6.71 24.74 -4.56
C LYS A 492 6.64 25.87 -5.56
N GLU A 493 7.82 26.36 -5.97
CA GLU A 493 7.96 27.57 -6.80
C GLU A 493 7.58 27.40 -8.28
N LYS A 494 6.91 26.32 -8.63
CA LYS A 494 6.25 26.21 -9.93
C LYS A 494 4.76 25.93 -9.75
N GLY A 495 4.26 25.81 -8.53
CA GLY A 495 2.84 25.52 -8.32
C GLY A 495 2.49 24.08 -8.62
N VAL A 496 3.50 23.20 -8.49
CA VAL A 496 3.45 21.75 -8.78
C VAL A 496 3.25 20.90 -7.51
N ALA A 497 2.28 19.98 -7.56
CA ALA A 497 1.90 19.18 -6.38
C ALA A 497 2.64 17.86 -6.35
N VAL A 498 2.63 17.22 -5.18
CA VAL A 498 3.30 15.93 -4.98
C VAL A 498 2.30 14.86 -4.54
N GLU A 499 2.58 13.63 -4.91
CA GLU A 499 1.62 12.57 -4.72
C GLU A 499 1.96 11.72 -3.53
N ILE A 500 0.90 11.31 -2.84
CA ILE A 500 0.92 10.17 -1.96
C ILE A 500 0.12 9.15 -2.73
N ASP A 501 0.75 8.02 -3.02
CA ASP A 501 0.14 6.97 -3.80
C ASP A 501 -0.21 5.91 -2.79
N GLY A 502 -1.48 5.78 -2.48
CA GLY A 502 -1.88 4.86 -1.44
C GLY A 502 -1.85 3.38 -1.79
N TYR A 503 -1.47 3.04 -3.02
CA TYR A 503 -1.46 1.64 -3.37
C TYR A 503 -0.48 0.94 -2.48
N TYR A 504 -0.80 -0.28 -2.06
CA TYR A 504 -0.13 -0.82 -0.88
C TYR A 504 1.30 -1.22 -1.13
N ASP A 505 1.58 -1.60 -2.36
CA ASP A 505 2.89 -2.11 -2.72
C ASP A 505 3.89 -0.99 -2.88
N ARG A 506 3.42 0.23 -2.91
CA ARG A 506 4.23 1.37 -3.23
C ARG A 506 3.64 2.44 -2.41
N MET A 507 4.42 3.28 -1.74
CA MET A 507 3.77 4.41 -1.08
C MET A 507 4.59 5.66 -1.17
N ASP A 508 4.85 6.04 -2.41
CA ASP A 508 5.42 7.33 -2.73
C ASP A 508 4.25 8.28 -2.68
N LEU A 509 4.36 9.42 -2.02
CA LEU A 509 5.40 9.71 -1.06
C LEU A 509 5.14 8.99 0.25
N PRO A 510 6.20 8.56 0.90
CA PRO A 510 6.10 7.95 2.21
C PRO A 510 6.11 8.99 3.30
N ASP A 511 5.58 8.61 4.47
CA ASP A 511 5.65 9.39 5.74
C ASP A 511 6.73 10.49 5.83
N ASP A 512 8.00 10.09 5.95
CA ASP A 512 9.08 11.03 6.24
C ASP A 512 9.40 12.01 5.11
N LEU A 513 9.08 11.65 3.87
CA LEU A 513 9.23 12.58 2.77
C LEU A 513 7.98 13.44 2.65
N ALA A 514 6.82 12.85 2.90
CA ALA A 514 5.58 13.60 2.84
C ALA A 514 5.61 14.78 3.82
N ARG A 515 6.12 14.54 5.02
CA ARG A 515 6.10 15.57 6.02
C ARG A 515 6.97 16.72 5.55
N MET A 516 8.22 16.40 5.25
CA MET A 516 9.20 17.37 4.80
C MET A 516 8.63 18.31 3.75
N ALA A 517 8.03 17.73 2.73
CA ALA A 517 7.52 18.49 1.61
C ALA A 517 6.43 19.41 2.09
N TYR A 518 5.29 18.86 2.47
CA TYR A 518 4.15 19.65 2.95
C TYR A 518 4.55 20.81 3.83
N GLY A 519 5.46 20.52 4.76
CA GLY A 519 6.13 21.52 5.56
C GLY A 519 7.39 22.04 4.88
N MET A 520 7.30 22.23 3.57
CA MET A 520 8.23 23.07 2.84
C MET A 520 7.43 24.16 2.16
N GLY A 521 6.11 24.13 2.34
CA GLY A 521 5.16 24.99 1.60
C GLY A 521 4.39 24.37 0.42
N LEU A 522 4.67 23.09 0.08
CA LEU A 522 4.16 22.40 -1.14
C LEU A 522 2.75 21.78 -1.05
N TRP A 523 2.03 21.81 -2.17
CA TRP A 523 0.72 21.17 -2.30
C TRP A 523 0.90 19.65 -2.36
N ILE A 524 -0.22 18.91 -2.31
CA ILE A 524 -0.19 17.43 -2.34
C ILE A 524 -1.35 16.72 -3.06
N SER A 525 -1.00 15.82 -3.98
CA SER A 525 -2.00 14.93 -4.59
C SER A 525 -2.04 13.61 -3.86
N LEU A 526 -3.22 13.02 -3.83
CA LEU A 526 -3.43 11.78 -3.14
C LEU A 526 -4.14 10.86 -4.08
N SER A 527 -3.83 9.58 -4.07
CA SER A 527 -4.39 8.65 -5.06
C SER A 527 -4.28 7.21 -4.64
N THR A 528 -4.91 6.33 -5.40
CA THR A 528 -4.76 4.91 -5.18
C THR A 528 -4.17 4.14 -6.37
N ASP A 529 -3.86 4.83 -7.46
CA ASP A 529 -3.27 4.17 -8.63
C ASP A 529 -4.12 3.01 -9.05
N ALA A 530 -5.40 3.11 -8.75
CA ALA A 530 -6.28 1.98 -8.81
C ALA A 530 -6.32 1.43 -10.21
N HIS A 531 -6.14 0.12 -10.35
CA HIS A 531 -6.15 -0.51 -11.65
C HIS A 531 -7.38 -1.39 -11.83
N GLN A 532 -7.95 -1.79 -10.70
CA GLN A 532 -9.23 -2.46 -10.66
C GLN A 532 -10.07 -1.63 -9.68
N THR A 533 -11.40 -1.77 -9.74
CA THR A 533 -12.31 -0.97 -8.92
C THR A 533 -12.08 -1.08 -7.41
N ASP A 534 -11.75 -2.29 -6.95
CA ASP A 534 -11.51 -2.54 -5.52
C ASP A 534 -10.39 -1.66 -4.91
N HIS A 535 -9.41 -1.31 -5.72
CA HIS A 535 -8.24 -0.60 -5.27
C HIS A 535 -8.50 0.79 -4.70
N LEU A 536 -9.67 1.35 -4.99
CA LEU A 536 -10.06 2.67 -4.44
C LEU A 536 -10.06 2.73 -2.92
N ARG A 537 -10.39 1.59 -2.31
CA ARG A 537 -10.46 1.47 -0.87
C ARG A 537 -9.18 1.97 -0.25
N PHE A 538 -8.07 1.76 -0.94
CA PHE A 538 -6.78 2.16 -0.42
C PHE A 538 -6.60 3.64 -0.25
N MET A 539 -7.68 4.41 -0.14
CA MET A 539 -7.50 5.85 0.01
C MET A 539 -6.95 6.18 1.43
N GLU A 540 -7.74 5.89 2.46
CA GLU A 540 -7.33 6.20 3.82
C GLU A 540 -5.93 5.76 4.13
N LEU A 541 -5.46 4.75 3.40
CA LEU A 541 -4.08 4.31 3.48
C LEU A 541 -3.17 5.50 3.27
N ALA A 542 -3.46 6.27 2.23
CA ALA A 542 -2.70 7.49 1.95
C ALA A 542 -3.02 8.55 2.99
N VAL A 543 -4.31 8.82 3.24
CA VAL A 543 -4.68 9.81 4.25
C VAL A 543 -3.96 9.49 5.56
N GLY A 544 -4.01 8.23 5.95
CA GLY A 544 -3.30 7.79 7.13
C GLY A 544 -1.88 8.28 7.08
N THR A 545 -1.23 8.06 5.94
CA THR A 545 0.17 8.42 5.70
C THR A 545 0.39 9.94 5.62
N ALA A 546 -0.64 10.65 5.22
CA ALA A 546 -0.62 12.08 5.30
C ALA A 546 -0.51 12.37 6.75
N GLN A 547 -1.50 11.96 7.51
CA GLN A 547 -1.62 12.37 8.90
C GLN A 547 -0.30 12.24 9.63
N ARG A 548 0.42 11.15 9.34
CA ARG A 548 1.75 10.90 9.90
C ARG A 548 2.83 11.93 9.48
N ALA A 549 2.66 12.54 8.31
CA ALA A 549 3.49 13.66 7.86
C ALA A 549 2.88 14.97 8.27
N TRP A 550 2.08 14.96 9.33
CA TRP A 550 1.55 16.16 9.98
C TRP A 550 0.76 17.13 9.06
N ILE A 551 -0.04 16.57 8.14
CA ILE A 551 -0.68 17.35 7.08
C ILE A 551 -2.14 17.68 7.32
N GLY A 552 -2.49 18.96 7.11
CA GLY A 552 -3.87 19.41 7.22
C GLY A 552 -4.53 19.41 5.86
N PRO A 553 -5.85 19.73 5.81
CA PRO A 553 -6.59 19.72 4.55
C PRO A 553 -6.08 20.78 3.61
N GLU A 554 -5.35 21.74 4.18
CA GLU A 554 -4.85 22.89 3.46
C GLU A 554 -3.69 22.49 2.59
N ARG A 555 -3.78 22.82 1.32
CA ARG A 555 -2.74 22.51 0.32
C ARG A 555 -2.75 21.01 -0.06
N VAL A 556 -3.98 20.49 -0.13
CA VAL A 556 -4.25 19.15 -0.56
C VAL A 556 -5.26 19.24 -1.69
N LEU A 557 -4.81 19.04 -2.92
CA LEU A 557 -5.70 19.09 -4.08
C LEU A 557 -6.96 18.22 -4.00
N ASN A 558 -6.96 17.18 -3.17
CA ASN A 558 -8.08 16.25 -3.10
C ASN A 558 -9.18 16.79 -2.20
N THR A 559 -8.82 17.78 -1.38
CA THR A 559 -9.77 18.46 -0.50
C THR A 559 -10.46 19.66 -1.16
N LEU A 560 -10.08 20.01 -2.39
CA LEU A 560 -10.80 21.00 -3.20
C LEU A 560 -12.06 20.39 -3.82
N ASP A 561 -12.96 21.25 -4.31
CA ASP A 561 -14.13 20.84 -5.11
C ASP A 561 -13.91 21.08 -6.62
N TYR A 562 -14.29 20.09 -7.42
CA TYR A 562 -14.17 20.13 -8.87
C TYR A 562 -13.78 21.48 -9.44
N GLU A 563 -14.71 22.44 -9.40
CA GLU A 563 -14.47 23.83 -9.81
C GLU A 563 -13.15 24.39 -9.29
N ASP A 564 -13.05 24.47 -7.97
CA ASP A 564 -11.92 25.13 -7.31
C ASP A 564 -10.65 24.53 -7.88
N LEU A 565 -10.53 23.22 -7.76
CA LEU A 565 -9.45 22.47 -8.34
C LEU A 565 -9.20 22.94 -9.75
N LEU A 566 -10.23 22.90 -10.58
CA LEU A 566 -10.07 23.32 -11.95
C LEU A 566 -9.45 24.70 -11.97
N SER A 567 -10.01 25.60 -11.17
CA SER A 567 -9.48 26.96 -11.10
C SER A 567 -7.98 26.91 -10.83
N TRP A 568 -7.59 26.12 -9.84
CA TRP A 568 -6.20 25.96 -9.46
C TRP A 568 -5.35 25.44 -10.60
N LEU A 569 -5.94 24.53 -11.38
CA LEU A 569 -5.29 23.83 -12.49
C LEU A 569 -4.82 24.72 -13.63
N LYS A 570 -5.33 25.96 -13.69
CA LYS A 570 -4.91 26.94 -14.69
C LYS A 570 -3.86 27.89 -14.10
N ALA A 571 -4.16 28.40 -12.90
CA ALA A 571 -3.33 29.38 -12.20
C ALA A 571 -1.89 28.88 -12.03
#